data_3TQ6
#
_entry.id   3TQ6
#
_cell.length_a   113.900
_cell.length_b   117.200
_cell.length_c   56.530
_cell.angle_alpha   90.00
_cell.angle_beta   90.00
_cell.angle_gamma   90.00
#
_symmetry.space_group_name_H-M   'P 21 21 2'
#
loop_
_entity.id
_entity.type
_entity.pdbx_description
1 polymer 'Transcription factor A, mitochondrial'
2 polymer "DNA (5'-D(*TP*AP*AP*CP*AP*GP*TP*CP*AP*CP*CP*CP*CP*CP*CP*AP*AP*CP*(BRU)P*AP*AP*C)-3')"
3 polymer "DNA (5'-D(*GP*TP*TP*AP*GP*TP*TP*GP*GP*GP*GP*GP*GP*TP*GP*AP*CP*TP*GP*TP*TP*A)-3')"
4 non-polymer 'PENTAETHYLENE GLYCOL'
5 non-polymer 'PHOSPHATE ION'
6 non-polymer DI(HYDROXYETHYL)ETHER
7 water water
#
loop_
_entity_poly.entity_id
_entity_poly.type
_entity_poly.pdbx_seq_one_letter_code
_entity_poly.pdbx_strand_id
1 'polypeptide(L)'
;MGSSVLASCPKKPVSSYLRFSKEQLPIFKAQNPDAKTTELIRRIAQRWRELPDSKKKIYQDAYRAEWQVYKEEISRFKEQ
LTPSQIMSLEKEIMDKHLKRKAMTKKKELTLLGKPKRPRSAYNVYVAERFQEAKGDSPQEKLKTVKENWKNLSDSEKELY
IQHAKEDETRYHNEMKSWEEQMIEVGRKDLLRRTIKKQRKYGAEECLQHHHHHH
;
A,B
2 'polydeoxyribonucleotide'
;(DT)(DA)(DA)(DC)(DA)(DG)(DT)(DC)(DA)(DC)(DC)(DC)(DC)(DC)(DC)(DA)(DA)(DC)(BRU)
(DA)(DA)(DC)
;
C,E
3 'polydeoxyribonucleotide'
;(DG)(DT)(DT)(DA)(DG)(DT)(DT)(DG)(DG)(DG)(DG)(DG)(DG)(DT)(DG)(DA)(DC)(DT)(DG)(DT)
(DT)(DA)
;
D,F
#
# COMPACT_ATOMS: atom_id res chain seq x y z
N SER A 4 13.30 -4.58 16.70
CA SER A 4 14.03 -3.91 17.77
C SER A 4 13.11 -3.50 18.93
N VAL A 5 12.38 -2.38 18.80
CA VAL A 5 11.40 -1.88 19.77
C VAL A 5 10.12 -2.75 19.69
N LEU A 6 9.69 -3.13 18.48
CA LEU A 6 8.47 -3.92 18.30
C LEU A 6 8.57 -5.30 18.96
N ALA A 7 9.78 -5.90 19.00
CA ALA A 7 9.98 -7.22 19.61
C ALA A 7 9.66 -7.24 21.12
N SER A 8 10.06 -6.20 21.86
CA SER A 8 9.84 -6.14 23.30
C SER A 8 8.53 -5.45 23.66
N CYS A 9 7.81 -4.93 22.67
CA CYS A 9 6.53 -4.26 22.85
C CYS A 9 5.46 -5.20 23.38
N PRO A 10 4.73 -4.81 24.48
CA PRO A 10 3.66 -5.69 24.99
C PRO A 10 2.60 -5.97 23.91
N LYS A 11 2.14 -7.22 23.79
CA LYS A 11 1.16 -7.60 22.77
C LYS A 11 -0.23 -7.75 23.38
N LYS A 12 -1.25 -7.44 22.57
CA LYS A 12 -2.66 -7.50 22.92
C LYS A 12 -3.03 -8.88 23.40
N PRO A 13 -3.91 -8.98 24.44
CA PRO A 13 -4.34 -10.31 24.87
C PRO A 13 -5.19 -10.99 23.79
N VAL A 14 -5.32 -12.29 23.95
CA VAL A 14 -6.03 -13.13 23.01
C VAL A 14 -7.49 -13.12 23.41
N SER A 15 -8.40 -12.94 22.43
CA SER A 15 -9.84 -12.94 22.71
C SER A 15 -10.34 -14.32 23.14
N SER A 16 -11.57 -14.40 23.64
CA SER A 16 -12.20 -15.59 24.21
C SER A 16 -12.10 -16.90 23.44
N TYR A 17 -12.54 -16.89 22.19
CA TYR A 17 -12.55 -18.08 21.38
C TYR A 17 -11.12 -18.58 21.08
N LEU A 18 -10.20 -17.66 20.76
CA LEU A 18 -8.83 -18.00 20.44
C LEU A 18 -8.16 -18.66 21.67
N ARG A 19 -8.52 -18.19 22.90
CA ARG A 19 -8.06 -18.74 24.18
C ARG A 19 -8.56 -20.17 24.35
N PHE A 20 -9.83 -20.43 23.99
CA PHE A 20 -10.47 -21.75 24.01
C PHE A 20 -9.80 -22.66 22.98
N SER A 21 -9.64 -22.17 21.75
CA SER A 21 -8.98 -22.85 20.63
C SER A 21 -7.53 -23.28 20.98
N LYS A 22 -6.73 -22.39 21.56
CA LYS A 22 -5.34 -22.70 21.96
C LYS A 22 -5.26 -23.87 22.98
N GLU A 23 -6.20 -23.91 23.92
CA GLU A 23 -6.25 -24.96 24.92
C GLU A 23 -6.86 -26.27 24.36
N GLN A 24 -7.82 -26.18 23.42
CA GLN A 24 -8.54 -27.33 22.85
C GLN A 24 -7.81 -28.06 21.75
N LEU A 25 -7.02 -27.37 20.95
CA LEU A 25 -6.27 -27.95 19.83
C LEU A 25 -5.28 -29.04 20.26
N PRO A 26 -4.44 -28.87 21.33
CA PRO A 26 -3.58 -30.00 21.76
C PRO A 26 -4.36 -31.23 22.18
N ILE A 27 -5.51 -31.04 22.83
CA ILE A 27 -6.40 -32.13 23.26
C ILE A 27 -6.98 -32.90 22.05
N PHE A 28 -7.51 -32.18 21.04
CA PHE A 28 -8.08 -32.77 19.82
C PHE A 28 -6.98 -33.41 18.97
N LYS A 29 -5.76 -32.82 18.98
CA LYS A 29 -4.58 -33.31 18.25
C LYS A 29 -4.04 -34.59 18.89
N ALA A 30 -4.30 -34.79 20.20
CA ALA A 30 -3.85 -35.97 20.93
C ALA A 30 -4.75 -37.15 20.61
N GLN A 31 -6.05 -36.86 20.48
CA GLN A 31 -7.07 -37.85 20.20
C GLN A 31 -7.26 -38.18 18.71
N ASN A 32 -6.75 -37.31 17.81
CA ASN A 32 -6.90 -37.43 16.36
C ASN A 32 -5.58 -37.04 15.74
N PRO A 33 -4.50 -37.82 15.94
CA PRO A 33 -3.16 -37.38 15.47
C PRO A 33 -2.90 -37.25 13.98
N ASP A 34 -3.71 -37.90 13.13
CA ASP A 34 -3.53 -37.86 11.67
C ASP A 34 -4.54 -36.96 10.95
N ALA A 35 -5.43 -36.29 11.72
CA ALA A 35 -6.43 -35.36 11.19
C ALA A 35 -5.79 -34.02 10.80
N LYS A 36 -6.40 -33.32 9.84
CA LYS A 36 -5.93 -32.00 9.41
C LYS A 36 -6.36 -30.97 10.47
N THR A 37 -5.50 -30.01 10.78
CA THR A 37 -5.77 -28.95 11.76
C THR A 37 -7.05 -28.19 11.38
N THR A 38 -7.28 -27.94 10.07
CA THR A 38 -8.48 -27.25 9.62
C THR A 38 -9.72 -27.96 10.08
N GLU A 39 -9.67 -29.29 10.11
CA GLU A 39 -10.83 -30.04 10.50
C GLU A 39 -11.06 -30.04 12.00
N LEU A 40 -9.96 -29.98 12.75
CA LEU A 40 -10.02 -29.92 14.21
C LEU A 40 -10.54 -28.55 14.64
N ILE A 41 -10.13 -27.48 13.92
CA ILE A 41 -10.58 -26.12 14.18
C ILE A 41 -12.10 -26.00 13.92
N ARG A 42 -12.58 -26.63 12.84
CA ARG A 42 -14.02 -26.64 12.52
C ARG A 42 -14.83 -27.26 13.70
N ARG A 43 -14.35 -28.37 14.30
CA ARG A 43 -15.00 -29.06 15.43
C ARG A 43 -14.87 -28.20 16.69
N ILE A 44 -13.67 -27.64 16.95
CA ILE A 44 -13.45 -26.72 18.07
C ILE A 44 -14.46 -25.53 18.04
N ALA A 45 -14.66 -24.94 16.83
CA ALA A 45 -15.57 -23.80 16.71
C ALA A 45 -16.99 -24.18 16.90
N GLN A 46 -17.36 -25.44 16.59
CA GLN A 46 -18.69 -25.97 16.81
C GLN A 46 -18.88 -26.14 18.34
N ARG A 47 -17.87 -26.68 19.03
CA ARG A 47 -17.87 -26.81 20.50
C ARG A 47 -18.01 -25.41 21.17
N TRP A 48 -17.34 -24.37 20.65
CA TRP A 48 -17.47 -23.00 21.17
C TRP A 48 -18.91 -22.48 21.00
N ARG A 49 -19.52 -22.70 19.82
CA ARG A 49 -20.88 -22.25 19.59
C ARG A 49 -21.92 -22.93 20.52
N GLU A 50 -21.74 -24.24 20.79
CA GLU A 50 -22.62 -25.01 21.66
C GLU A 50 -22.40 -24.74 23.15
N LEU A 51 -21.27 -24.15 23.50
CA LEU A 51 -20.88 -23.90 24.87
C LEU A 51 -21.86 -22.96 25.58
N PRO A 52 -22.37 -23.31 26.79
CA PRO A 52 -23.31 -22.40 27.48
C PRO A 52 -22.66 -21.02 27.73
N ASP A 53 -23.49 -19.96 27.66
CA ASP A 53 -23.06 -18.58 27.85
C ASP A 53 -22.34 -18.34 29.19
N SER A 54 -22.71 -19.10 30.22
CA SER A 54 -22.09 -19.06 31.54
C SER A 54 -20.63 -19.57 31.49
N LYS A 55 -20.29 -20.42 30.49
CA LYS A 55 -18.94 -20.93 30.29
C LYS A 55 -18.17 -19.92 29.49
N LYS A 56 -18.75 -19.41 28.39
CA LYS A 56 -18.17 -18.33 27.57
C LYS A 56 -17.81 -17.10 28.42
N LYS A 57 -18.71 -16.72 29.39
CA LYS A 57 -18.51 -15.61 30.31
C LYS A 57 -17.21 -15.73 31.09
N ILE A 58 -16.83 -16.99 31.45
CA ILE A 58 -15.60 -17.28 32.20
C ILE A 58 -14.39 -16.82 31.41
N TYR A 59 -14.41 -17.10 30.09
CA TYR A 59 -13.38 -16.70 29.15
C TYR A 59 -13.38 -15.20 28.96
N GLN A 60 -14.57 -14.59 28.70
CA GLN A 60 -14.76 -13.14 28.51
C GLN A 60 -14.25 -12.30 29.69
N ASP A 61 -14.59 -12.74 30.92
CA ASP A 61 -14.16 -12.07 32.16
C ASP A 61 -12.64 -12.03 32.31
N ALA A 62 -11.94 -13.12 31.89
CA ALA A 62 -10.48 -13.21 31.94
C ALA A 62 -9.90 -12.29 30.86
N TYR A 63 -10.55 -12.23 29.71
CA TYR A 63 -10.14 -11.31 28.64
C TYR A 63 -10.23 -9.84 29.08
N ARG A 64 -11.36 -9.45 29.73
CA ARG A 64 -11.56 -8.08 30.21
C ARG A 64 -10.45 -7.73 31.19
N ALA A 65 -10.12 -8.67 32.10
CA ALA A 65 -9.06 -8.49 33.10
C ALA A 65 -7.64 -8.43 32.48
N GLU A 66 -7.40 -9.22 31.44
CA GLU A 66 -6.13 -9.24 30.67
C GLU A 66 -5.98 -7.95 29.86
N TRP A 67 -7.11 -7.37 29.42
CA TRP A 67 -7.12 -6.10 28.68
C TRP A 67 -6.64 -4.95 29.59
N GLN A 68 -7.01 -5.00 30.89
CA GLN A 68 -6.56 -3.99 31.84
C GLN A 68 -5.05 -4.10 32.08
N VAL A 69 -4.49 -5.34 32.06
CA VAL A 69 -3.06 -5.57 32.22
C VAL A 69 -2.36 -4.96 30.97
N TYR A 70 -2.97 -5.18 29.83
CA TYR A 70 -2.46 -4.69 28.55
C TYR A 70 -2.34 -3.17 28.53
N LYS A 71 -3.40 -2.46 28.95
CA LYS A 71 -3.41 -0.99 28.97
C LYS A 71 -2.27 -0.49 29.81
N GLU A 72 -2.02 -1.16 30.94
CA GLU A 72 -0.95 -0.83 31.87
C GLU A 72 0.41 -1.05 31.23
N GLU A 73 0.62 -2.22 30.63
CA GLU A 73 1.91 -2.55 30.04
C GLU A 73 2.26 -1.63 28.88
N ILE A 74 1.27 -1.37 28.00
CA ILE A 74 1.43 -0.51 26.82
C ILE A 74 1.66 0.96 27.16
N SER A 75 1.00 1.49 28.23
CA SER A 75 1.24 2.87 28.72
C SER A 75 2.65 2.98 29.26
N ARG A 76 3.04 2.08 30.16
CA ARG A 76 4.35 1.98 30.80
C ARG A 76 5.46 1.91 29.73
N PHE A 77 5.28 1.04 28.69
CA PHE A 77 6.25 0.90 27.61
C PHE A 77 6.41 2.25 26.87
N LYS A 78 5.38 2.68 26.16
CA LYS A 78 5.34 3.93 25.39
C LYS A 78 5.89 5.17 26.09
N GLU A 79 5.65 5.31 27.40
CA GLU A 79 6.08 6.44 28.23
C GLU A 79 7.57 6.48 28.38
N GLN A 80 8.22 5.29 28.49
CA GLN A 80 9.68 5.19 28.62
C GLN A 80 10.41 5.48 27.29
N LEU A 81 9.70 5.41 26.15
CA LEU A 81 10.30 5.60 24.84
C LEU A 81 10.65 7.03 24.48
N THR A 82 11.85 7.19 23.88
CA THR A 82 12.34 8.48 23.33
C THR A 82 11.65 8.68 21.95
N PRO A 83 11.57 9.91 21.41
CA PRO A 83 10.98 10.09 20.07
C PRO A 83 11.64 9.22 18.97
N SER A 84 12.93 8.92 19.12
CA SER A 84 13.70 8.10 18.18
C SER A 84 13.22 6.62 18.25
N GLN A 85 12.86 6.15 19.45
CA GLN A 85 12.35 4.82 19.70
C GLN A 85 10.96 4.67 19.13
N ILE A 86 10.03 5.61 19.46
CA ILE A 86 8.63 5.70 18.97
C ILE A 86 8.67 5.62 17.44
N MET A 87 9.52 6.44 16.85
CA MET A 87 9.67 6.55 15.43
C MET A 87 10.14 5.24 14.83
N SER A 88 11.13 4.57 15.46
CA SER A 88 11.63 3.27 14.99
C SER A 88 10.55 2.17 15.17
N LEU A 89 9.65 2.32 16.19
CA LEU A 89 8.51 1.43 16.46
C LEU A 89 7.47 1.58 15.35
N GLU A 90 7.14 2.84 14.98
CA GLU A 90 6.17 3.12 13.93
C GLU A 90 6.65 2.64 12.56
N LYS A 91 7.99 2.74 12.26
CA LYS A 91 8.58 2.26 11.01
C LYS A 91 8.49 0.74 10.89
N GLU A 92 8.79 0.01 11.98
CA GLU A 92 8.74 -1.46 12.06
C GLU A 92 7.36 -1.98 11.81
N ILE A 93 6.34 -1.29 12.37
CA ILE A 93 4.92 -1.61 12.23
C ILE A 93 4.51 -1.41 10.78
N MET A 94 4.95 -0.29 10.15
CA MET A 94 4.73 0.09 8.75
C MET A 94 5.36 -0.96 7.84
N ASP A 95 6.63 -1.36 8.10
CA ASP A 95 7.34 -2.35 7.29
C ASP A 95 6.65 -3.72 7.33
N LYS A 96 6.20 -4.13 8.51
CA LYS A 96 5.56 -5.41 8.72
C LYS A 96 4.22 -5.44 7.97
N HIS A 97 3.50 -4.33 7.99
CA HIS A 97 2.22 -4.12 7.33
C HIS A 97 2.40 -4.19 5.84
N LEU A 98 3.42 -3.48 5.28
CA LEU A 98 3.74 -3.44 3.85
C LEU A 98 4.13 -4.76 3.26
N LYS A 99 4.91 -5.55 4.03
CA LYS A 99 5.38 -6.89 3.67
C LYS A 99 4.22 -7.88 3.61
N ARG A 100 3.25 -7.78 4.52
CA ARG A 100 2.06 -8.66 4.58
C ARG A 100 1.10 -8.33 3.41
N LYS A 101 0.92 -7.05 3.14
CA LYS A 101 0.07 -6.54 2.08
C LYS A 101 0.64 -7.03 0.74
N ALA A 102 1.99 -6.94 0.56
CA ALA A 102 2.63 -7.37 -0.68
C ALA A 102 2.58 -8.89 -0.91
N MET A 103 2.62 -9.68 0.16
CA MET A 103 2.58 -11.15 0.10
C MET A 103 1.15 -11.61 -0.19
N THR A 104 0.17 -10.93 0.36
CA THR A 104 -1.28 -11.15 0.09
C THR A 104 -1.60 -10.86 -1.41
N LYS A 105 -1.04 -9.79 -1.97
CA LYS A 105 -1.22 -9.42 -3.37
C LYS A 105 -0.56 -10.46 -4.31
N LYS A 106 0.63 -10.97 -3.95
CA LYS A 106 1.35 -11.97 -4.73
C LYS A 106 0.62 -13.32 -4.78
N LYS A 107 0.06 -13.77 -3.62
CA LYS A 107 -0.68 -15.04 -3.48
C LYS A 107 -1.97 -14.99 -4.28
N GLU A 108 -2.60 -13.82 -4.38
CA GLU A 108 -3.82 -13.62 -5.18
C GLU A 108 -3.49 -13.72 -6.67
N LEU A 109 -2.33 -13.18 -7.10
CA LEU A 109 -1.87 -13.24 -8.51
C LEU A 109 -1.57 -14.67 -8.94
N THR A 110 -0.98 -15.48 -8.04
CA THR A 110 -0.70 -16.93 -8.24
C THR A 110 -2.02 -17.70 -8.31
N LEU A 111 -2.96 -17.40 -7.41
CA LEU A 111 -4.31 -18.01 -7.40
C LEU A 111 -5.09 -17.68 -8.72
N LEU A 112 -4.90 -16.47 -9.27
CA LEU A 112 -5.48 -15.98 -10.52
C LEU A 112 -4.76 -16.43 -11.81
N GLY A 113 -3.66 -17.15 -11.65
CA GLY A 113 -2.91 -17.72 -12.77
C GLY A 113 -2.15 -16.74 -13.63
N LYS A 114 -1.66 -15.68 -13.02
CA LYS A 114 -0.95 -14.65 -13.75
C LYS A 114 0.30 -15.19 -14.48
N PRO A 115 0.49 -14.88 -15.80
CA PRO A 115 1.71 -15.35 -16.50
C PRO A 115 2.98 -14.79 -15.88
N LYS A 116 4.05 -15.58 -15.88
CA LYS A 116 5.35 -15.13 -15.39
C LYS A 116 5.90 -14.10 -16.35
N ARG A 117 6.74 -13.19 -15.85
CA ARG A 117 7.40 -12.20 -16.69
C ARG A 117 8.38 -12.86 -17.71
N PRO A 118 8.79 -12.19 -18.80
CA PRO A 118 9.71 -12.88 -19.73
C PRO A 118 11.06 -13.27 -19.11
N ARG A 119 11.58 -14.39 -19.56
CA ARG A 119 12.88 -14.88 -19.13
C ARG A 119 13.94 -14.25 -20.04
N SER A 120 15.00 -13.68 -19.46
CA SER A 120 16.11 -13.09 -20.24
C SER A 120 17.04 -14.22 -20.68
N ALA A 121 17.93 -13.91 -21.61
CA ALA A 121 18.92 -14.82 -22.13
C ALA A 121 19.80 -15.30 -20.96
N TYR A 122 20.00 -14.42 -19.97
CA TYR A 122 20.78 -14.74 -18.77
C TYR A 122 20.05 -15.75 -17.88
N ASN A 123 18.72 -15.54 -17.64
CA ASN A 123 17.87 -16.46 -16.89
C ASN A 123 17.95 -17.86 -17.53
N VAL A 124 17.89 -17.92 -18.89
CA VAL A 124 18.02 -19.13 -19.73
C VAL A 124 19.31 -19.89 -19.47
N TYR A 125 20.41 -19.14 -19.42
CA TYR A 125 21.75 -19.64 -19.13
C TYR A 125 21.86 -20.19 -17.68
N VAL A 126 21.31 -19.49 -16.64
CA VAL A 126 21.32 -19.94 -15.24
C VAL A 126 20.56 -21.31 -15.14
N ALA A 127 19.40 -21.41 -15.81
CA ALA A 127 18.59 -22.62 -15.88
C ALA A 127 19.38 -23.79 -16.43
N GLU A 128 20.14 -23.58 -17.50
CA GLU A 128 20.88 -24.65 -18.16
C GLU A 128 22.20 -25.04 -17.45
N ARG A 129 22.91 -24.00 -16.96
CA ARG A 129 24.25 -24.06 -16.46
C ARG A 129 24.41 -24.29 -14.92
N PHE A 130 23.38 -23.96 -14.12
CA PHE A 130 23.44 -24.07 -12.65
C PHE A 130 23.86 -25.43 -12.09
N GLN A 131 23.15 -26.52 -12.47
CA GLN A 131 23.41 -27.88 -11.98
C GLN A 131 24.90 -28.28 -11.98
N GLU A 132 25.61 -28.05 -13.08
CA GLU A 132 27.01 -28.44 -13.21
C GLU A 132 28.04 -27.38 -12.87
N ALA A 133 27.58 -26.17 -12.53
CA ALA A 133 28.46 -25.07 -12.15
C ALA A 133 29.19 -25.47 -10.86
N LYS A 134 30.51 -25.24 -10.85
CA LYS A 134 31.41 -25.48 -9.71
C LYS A 134 30.90 -24.67 -8.50
N GLY A 135 30.97 -25.27 -7.30
CA GLY A 135 30.56 -24.60 -6.08
C GLY A 135 29.83 -25.53 -5.15
N ASP A 136 29.98 -25.34 -3.87
CA ASP A 136 29.24 -26.24 -2.98
C ASP A 136 27.84 -25.70 -2.79
N SER A 137 27.72 -24.56 -2.14
CA SER A 137 26.42 -23.94 -1.93
C SER A 137 25.85 -23.21 -3.21
N PRO A 138 24.51 -23.03 -3.25
CA PRO A 138 23.86 -22.31 -4.37
C PRO A 138 24.38 -20.89 -4.61
N GLN A 139 24.86 -20.20 -3.56
CA GLN A 139 25.46 -18.84 -3.74
C GLN A 139 26.79 -18.88 -4.47
N GLU A 140 27.64 -19.88 -4.18
CA GLU A 140 28.92 -20.06 -4.86
C GLU A 140 28.69 -20.48 -6.30
N LYS A 141 27.75 -21.43 -6.56
CA LYS A 141 27.39 -21.89 -7.92
C LYS A 141 26.86 -20.73 -8.79
N LEU A 142 26.10 -19.80 -8.21
CA LEU A 142 25.61 -18.63 -8.96
C LEU A 142 26.78 -17.69 -9.34
N LYS A 143 27.76 -17.54 -8.45
CA LYS A 143 28.98 -16.76 -8.76
C LYS A 143 29.77 -17.38 -9.91
N THR A 144 29.76 -18.72 -10.00
CA THR A 144 30.41 -19.40 -11.12
C THR A 144 29.68 -19.11 -12.41
N VAL A 145 28.37 -19.41 -12.42
CA VAL A 145 27.48 -19.20 -13.58
C VAL A 145 27.66 -17.77 -14.17
N LYS A 146 27.54 -16.73 -13.36
CA LYS A 146 27.67 -15.29 -13.72
C LYS A 146 29.01 -14.97 -14.41
N GLU A 147 30.07 -15.64 -13.97
CA GLU A 147 31.40 -15.51 -14.55
C GLU A 147 31.51 -16.23 -15.88
N ASN A 148 30.82 -17.39 -15.99
CA ASN A 148 30.84 -18.15 -17.22
C ASN A 148 30.10 -17.37 -18.26
N TRP A 149 28.94 -16.72 -17.89
CA TRP A 149 28.09 -15.88 -18.73
C TRP A 149 28.87 -14.70 -19.30
N LYS A 150 29.73 -14.10 -18.48
CA LYS A 150 30.61 -13.02 -18.83
C LYS A 150 31.55 -13.39 -20.01
N ASN A 151 32.00 -14.66 -20.08
CA ASN A 151 32.98 -15.22 -20.99
C ASN A 151 32.43 -15.95 -22.19
N LEU A 152 31.11 -15.88 -22.43
CA LEU A 152 30.53 -16.56 -23.58
C LEU A 152 30.88 -15.84 -24.85
N SER A 153 31.12 -16.62 -25.92
CA SER A 153 31.33 -16.15 -27.28
C SER A 153 29.97 -15.71 -27.80
N ASP A 154 29.96 -14.94 -28.88
CA ASP A 154 28.75 -14.48 -29.57
C ASP A 154 27.96 -15.68 -30.07
N SER A 155 28.69 -16.70 -30.59
CA SER A 155 28.13 -17.96 -31.09
C SER A 155 27.30 -18.63 -30.00
N GLU A 156 27.85 -18.78 -28.78
CA GLU A 156 27.10 -19.41 -27.70
C GLU A 156 26.01 -18.54 -27.12
N LYS A 157 26.26 -17.22 -26.97
CA LYS A 157 25.27 -16.31 -26.43
C LYS A 157 24.03 -16.26 -27.35
N GLU A 158 24.18 -16.44 -28.68
CA GLU A 158 23.05 -16.45 -29.61
C GLU A 158 21.92 -17.42 -29.31
N LEU A 159 22.24 -18.61 -28.80
CA LEU A 159 21.28 -19.63 -28.42
C LEU A 159 20.36 -19.12 -27.31
N TYR A 160 20.96 -18.46 -26.26
CA TYR A 160 20.25 -17.88 -25.12
C TYR A 160 19.38 -16.72 -25.56
N ILE A 161 19.92 -15.85 -26.44
CA ILE A 161 19.22 -14.71 -27.03
C ILE A 161 18.00 -15.19 -27.80
N GLN A 162 18.13 -16.31 -28.55
CA GLN A 162 17.01 -16.89 -29.31
C GLN A 162 15.95 -17.53 -28.44
N HIS A 163 16.33 -18.21 -27.32
CA HIS A 163 15.39 -18.76 -26.36
C HIS A 163 14.60 -17.58 -25.70
N ALA A 164 15.25 -16.41 -25.40
CA ALA A 164 14.61 -15.25 -24.79
C ALA A 164 13.63 -14.56 -25.72
N LYS A 165 13.94 -14.56 -27.02
CA LYS A 165 13.10 -14.02 -28.10
C LYS A 165 11.76 -14.77 -28.14
N GLU A 166 11.82 -16.11 -28.07
CA GLU A 166 10.64 -16.99 -28.05
C GLU A 166 9.79 -16.76 -26.80
N ASP A 167 10.44 -16.51 -25.65
CA ASP A 167 9.77 -16.32 -24.37
C ASP A 167 9.12 -14.96 -24.28
N GLU A 168 9.60 -13.98 -25.02
CA GLU A 168 8.97 -12.66 -25.06
C GLU A 168 7.66 -12.76 -25.86
N THR A 169 7.60 -13.71 -26.80
CA THR A 169 6.41 -13.97 -27.64
C THR A 169 5.40 -14.72 -26.81
N ARG A 170 5.89 -15.74 -26.04
CA ARG A 170 4.97 -16.46 -25.17
C ARG A 170 4.37 -15.53 -24.10
N TYR A 171 5.20 -14.63 -23.54
CA TYR A 171 4.77 -13.64 -22.55
C TYR A 171 3.70 -12.71 -23.13
N HIS A 172 3.89 -12.23 -24.35
CA HIS A 172 2.98 -11.31 -25.04
C HIS A 172 1.61 -11.95 -25.27
N ASN A 173 1.61 -13.22 -25.74
CA ASN A 173 0.42 -14.04 -26.01
C ASN A 173 -0.37 -14.30 -24.73
N GLU A 174 0.29 -14.90 -23.71
CA GLU A 174 -0.23 -15.25 -22.39
C GLU A 174 -0.87 -14.08 -21.63
N MET A 175 -0.21 -12.90 -21.68
CA MET A 175 -0.66 -11.65 -21.08
C MET A 175 -1.91 -11.11 -21.73
N LYS A 176 -1.97 -11.12 -23.05
CA LYS A 176 -3.12 -10.63 -23.85
C LYS A 176 -4.37 -11.40 -23.47
N SER A 177 -4.23 -12.74 -23.31
CA SER A 177 -5.37 -13.53 -22.89
C SER A 177 -5.72 -13.48 -21.41
N TRP A 178 -4.69 -13.33 -20.53
CA TRP A 178 -4.91 -13.23 -19.08
C TRP A 178 -5.52 -11.89 -18.71
N GLU A 179 -5.10 -10.84 -19.40
CA GLU A 179 -5.67 -9.52 -19.17
C GLU A 179 -7.14 -9.44 -19.61
N GLU A 180 -7.46 -10.06 -20.74
CA GLU A 180 -8.79 -10.14 -21.32
C GLU A 180 -9.69 -10.91 -20.38
N GLN A 181 -9.16 -11.98 -19.76
CA GLN A 181 -9.85 -12.77 -18.73
C GLN A 181 -10.04 -11.97 -17.42
N MET A 182 -9.04 -11.19 -17.01
CA MET A 182 -9.19 -10.35 -15.81
C MET A 182 -10.32 -9.31 -15.96
N ILE A 183 -10.49 -8.75 -17.15
CA ILE A 183 -11.57 -7.81 -17.48
C ILE A 183 -12.91 -8.53 -17.33
N GLU A 184 -13.05 -9.75 -17.91
CA GLU A 184 -14.29 -10.57 -17.84
C GLU A 184 -14.69 -10.94 -16.44
N VAL A 185 -13.73 -11.08 -15.51
CA VAL A 185 -14.01 -11.35 -14.12
C VAL A 185 -14.13 -10.08 -13.26
N GLY A 186 -14.12 -8.93 -13.92
CA GLY A 186 -14.20 -7.64 -13.25
C GLY A 186 -12.99 -7.24 -12.41
N ARG A 187 -11.76 -7.53 -12.90
CA ARG A 187 -10.51 -7.17 -12.21
C ARG A 187 -9.61 -6.29 -13.09
N LYS A 188 -10.15 -5.16 -13.56
CA LYS A 188 -9.44 -4.20 -14.40
C LYS A 188 -8.27 -3.55 -13.64
N ASP A 189 -8.27 -3.67 -12.31
CA ASP A 189 -7.19 -3.12 -11.44
C ASP A 189 -5.86 -3.86 -11.63
N LEU A 190 -5.94 -5.12 -12.11
CA LEU A 190 -4.83 -6.02 -12.31
C LEU A 190 -4.09 -5.83 -13.60
N LEU A 191 -4.66 -5.05 -14.50
CA LEU A 191 -4.10 -4.77 -15.80
C LEU A 191 -2.96 -3.76 -15.77
N ARG A 192 -2.00 -3.86 -16.73
CA ARG A 192 -0.88 -2.91 -16.83
C ARG A 192 -1.39 -1.51 -17.26
N ARG A 193 -0.70 -0.46 -16.80
CA ARG A 193 -1.00 0.93 -17.15
C ARG A 193 -0.24 1.17 -18.46
N THR A 194 1.05 0.65 -18.53
CA THR A 194 1.96 0.70 -19.69
C THR A 194 2.41 -0.70 -20.14
N ILE A 195 2.57 -0.85 -21.48
CA ILE A 195 3.03 -2.03 -22.23
C ILE A 195 4.19 -1.58 -23.18
N LYS A 196 5.32 -2.31 -23.13
CA LYS A 196 6.53 -2.12 -23.94
C LYS A 196 6.21 -2.56 -25.40
N LYS A 197 6.76 -1.86 -26.42
CA LYS A 197 6.50 -2.20 -27.84
C LYS A 197 7.26 -3.46 -28.26
N SER B 4 12.79 17.63 10.54
CA SER B 4 12.82 17.01 9.20
C SER B 4 14.22 16.85 8.55
N VAL B 5 14.64 15.57 8.40
CA VAL B 5 15.85 15.13 7.73
C VAL B 5 15.64 15.33 6.22
N LEU B 6 14.49 14.91 5.69
CA LEU B 6 14.10 15.00 4.27
C LEU B 6 14.10 16.42 3.72
N ALA B 7 13.79 17.41 4.54
CA ALA B 7 13.78 18.81 4.07
C ALA B 7 15.16 19.32 3.62
N SER B 8 16.22 18.98 4.35
CA SER B 8 17.56 19.44 4.03
C SER B 8 18.33 18.48 3.09
N CYS B 9 17.73 17.32 2.85
CA CYS B 9 18.29 16.28 1.99
C CYS B 9 18.46 16.74 0.53
N PRO B 10 19.68 16.55 -0.09
CA PRO B 10 19.84 16.90 -1.52
C PRO B 10 18.80 16.14 -2.40
N LYS B 11 18.19 16.82 -3.37
CA LYS B 11 17.18 16.22 -4.27
C LYS B 11 17.77 15.94 -5.62
N LYS B 12 17.28 14.87 -6.22
CA LYS B 12 17.65 14.38 -7.56
C LYS B 12 17.50 15.46 -8.63
N PRO B 13 18.35 15.47 -9.67
CA PRO B 13 18.14 16.42 -10.78
C PRO B 13 16.83 16.14 -11.54
N VAL B 14 16.38 17.13 -12.30
CA VAL B 14 15.20 17.05 -13.16
C VAL B 14 15.69 16.54 -14.51
N SER B 15 14.98 15.54 -15.08
CA SER B 15 15.36 14.99 -16.37
C SER B 15 15.14 16.00 -17.51
N SER B 16 15.70 15.71 -18.70
CA SER B 16 15.73 16.57 -19.88
C SER B 16 14.45 17.29 -20.29
N TYR B 17 13.37 16.55 -20.52
CA TYR B 17 12.11 17.13 -20.97
C TYR B 17 11.49 18.06 -19.94
N LEU B 18 11.46 17.65 -18.64
CA LEU B 18 10.90 18.50 -17.58
C LEU B 18 11.64 19.82 -17.53
N ARG B 19 13.02 19.76 -17.69
CA ARG B 19 13.90 20.94 -17.72
C ARG B 19 13.49 21.90 -18.86
N PHE B 20 13.21 21.34 -20.05
CA PHE B 20 12.73 22.06 -21.23
C PHE B 20 11.32 22.64 -20.96
N SER B 21 10.39 21.82 -20.45
CA SER B 21 9.02 22.21 -20.09
C SER B 21 8.98 23.40 -19.06
N LYS B 22 9.80 23.34 -18.01
CA LYS B 22 9.88 24.41 -17.00
C LYS B 22 10.30 25.77 -17.61
N GLU B 23 11.23 25.74 -18.57
CA GLU B 23 11.71 26.93 -19.24
C GLU B 23 10.70 27.43 -20.33
N GLN B 24 9.99 26.48 -21.00
CA GLN B 24 9.07 26.79 -22.11
C GLN B 24 7.71 27.27 -21.71
N LEU B 25 7.17 26.78 -20.60
CA LEU B 25 5.85 27.12 -20.09
C LEU B 25 5.66 28.62 -19.81
N PRO B 26 6.60 29.34 -19.13
CA PRO B 26 6.42 30.81 -18.97
C PRO B 26 6.35 31.55 -20.29
N ILE B 27 7.13 31.12 -21.29
CA ILE B 27 7.16 31.71 -22.63
C ILE B 27 5.79 31.52 -23.35
N PHE B 28 5.26 30.30 -23.35
CA PHE B 28 3.98 29.95 -23.96
C PHE B 28 2.81 30.62 -23.22
N LYS B 29 2.93 30.75 -21.87
CA LYS B 29 1.93 31.38 -21.01
C LYS B 29 1.94 32.89 -21.22
N ALA B 30 3.06 33.47 -21.69
CA ALA B 30 3.17 34.91 -21.95
C ALA B 30 2.46 35.26 -23.25
N GLN B 31 2.57 34.35 -24.23
CA GLN B 31 2.00 34.49 -25.56
C GLN B 31 0.55 34.07 -25.67
N ASN B 32 0.06 33.23 -24.75
CA ASN B 32 -1.33 32.77 -24.71
C ASN B 32 -1.79 32.83 -23.24
N PRO B 33 -2.04 34.05 -22.70
CA PRO B 33 -2.41 34.15 -21.28
C PRO B 33 -3.75 33.55 -20.86
N ASP B 34 -4.69 33.34 -21.80
CA ASP B 34 -6.03 32.79 -21.48
C ASP B 34 -6.19 31.29 -21.83
N ALA B 35 -5.11 30.66 -22.35
CA ALA B 35 -5.13 29.25 -22.73
C ALA B 35 -5.04 28.33 -21.50
N LYS B 36 -5.51 27.07 -21.66
CA LYS B 36 -5.44 26.05 -20.61
C LYS B 36 -4.00 25.50 -20.59
N THR B 37 -3.39 25.35 -19.40
CA THR B 37 -2.03 24.83 -19.28
C THR B 37 -1.88 23.44 -19.92
N THR B 38 -2.94 22.59 -19.83
CA THR B 38 -2.91 21.26 -20.46
C THR B 38 -2.64 21.38 -21.94
N GLU B 39 -3.20 22.42 -22.55
CA GLU B 39 -3.01 22.61 -23.97
C GLU B 39 -1.62 23.14 -24.35
N LEU B 40 -1.04 23.99 -23.50
CA LEU B 40 0.31 24.54 -23.66
C LEU B 40 1.34 23.41 -23.50
N ILE B 41 1.10 22.50 -22.53
CA ILE B 41 1.96 21.34 -22.27
C ILE B 41 1.96 20.41 -23.47
N ARG B 42 0.77 20.22 -24.08
CA ARG B 42 0.67 19.38 -25.27
C ARG B 42 1.56 19.93 -26.42
N ARG B 43 1.58 21.27 -26.61
CA ARG B 43 2.36 21.95 -27.65
C ARG B 43 3.85 21.88 -27.30
N ILE B 44 4.19 22.13 -26.00
CA ILE B 44 5.58 21.99 -25.50
C ILE B 44 6.14 20.58 -25.80
N ALA B 45 5.34 19.54 -25.54
CA ALA B 45 5.79 18.17 -25.76
C ALA B 45 5.97 17.84 -27.23
N GLN B 46 5.20 18.52 -28.11
CA GLN B 46 5.32 18.38 -29.54
C GLN B 46 6.64 19.04 -29.97
N ARG B 47 6.94 20.24 -29.42
CA ARG B 47 8.21 20.95 -29.67
C ARG B 47 9.42 20.09 -29.19
N TRP B 48 9.30 19.38 -28.05
CA TRP B 48 10.36 18.48 -27.56
C TRP B 48 10.58 17.33 -28.56
N ARG B 49 9.49 16.71 -29.05
CA ARG B 49 9.61 15.60 -30.00
C ARG B 49 10.28 16.01 -31.31
N GLU B 50 9.95 17.22 -31.82
CA GLU B 50 10.51 17.78 -33.08
C GLU B 50 11.93 18.29 -32.93
N LEU B 51 12.38 18.55 -31.70
CA LEU B 51 13.69 19.08 -31.40
C LEU B 51 14.82 18.18 -31.90
N PRO B 52 15.81 18.71 -32.66
CA PRO B 52 16.90 17.85 -33.15
C PRO B 52 17.62 17.14 -32.00
N ASP B 53 18.07 15.90 -32.23
CA ASP B 53 18.79 15.06 -31.27
C ASP B 53 20.03 15.75 -30.71
N SER B 54 20.69 16.63 -31.52
CA SER B 54 21.85 17.42 -31.11
C SER B 54 21.50 18.47 -30.07
N LYS B 55 20.21 18.90 -30.03
CA LYS B 55 19.70 19.84 -29.03
C LYS B 55 19.31 19.09 -27.80
N LYS B 56 18.66 17.92 -27.97
CA LYS B 56 18.27 17.10 -26.84
C LYS B 56 19.53 16.70 -26.07
N LYS B 57 20.57 16.28 -26.78
CA LYS B 57 21.85 15.89 -26.21
C LYS B 57 22.40 16.94 -25.23
N ILE B 58 22.19 18.25 -25.53
CA ILE B 58 22.63 19.37 -24.71
C ILE B 58 21.97 19.28 -23.33
N TYR B 59 20.67 18.99 -23.30
CA TYR B 59 19.92 18.81 -22.08
C TYR B 59 20.39 17.55 -21.36
N GLN B 60 20.53 16.42 -22.08
CA GLN B 60 20.96 15.12 -21.52
C GLN B 60 22.34 15.18 -20.85
N ASP B 61 23.31 15.82 -21.54
CA ASP B 61 24.67 16.01 -21.04
C ASP B 61 24.70 16.82 -19.72
N ALA B 62 23.80 17.83 -19.57
CA ALA B 62 23.72 18.64 -18.36
C ALA B 62 23.10 17.77 -17.25
N TYR B 63 22.13 16.93 -17.59
CA TYR B 63 21.52 16.00 -16.66
C TYR B 63 22.58 15.00 -16.11
N ARG B 64 23.40 14.42 -17.00
CA ARG B 64 24.45 13.47 -16.62
C ARG B 64 25.42 14.16 -15.65
N ALA B 65 25.82 15.40 -15.94
CA ALA B 65 26.69 16.20 -15.07
C ALA B 65 26.05 16.60 -13.71
N GLU B 66 24.76 16.92 -13.70
CA GLU B 66 23.97 17.21 -12.51
C GLU B 66 23.76 15.91 -11.65
N TRP B 67 23.72 14.75 -12.29
CA TRP B 67 23.61 13.47 -11.62
C TRP B 67 24.89 13.17 -10.83
N GLN B 68 26.07 13.55 -11.37
CA GLN B 68 27.34 13.37 -10.67
C GLN B 68 27.41 14.29 -9.44
N VAL B 69 26.83 15.52 -9.53
CA VAL B 69 26.78 16.44 -8.41
C VAL B 69 25.93 15.80 -7.31
N TYR B 70 24.81 15.22 -7.72
CA TYR B 70 23.85 14.56 -6.87
C TYR B 70 24.49 13.43 -6.08
N LYS B 71 25.21 12.51 -6.77
CA LYS B 71 25.86 11.36 -6.11
C LYS B 71 26.76 11.83 -5.02
N GLU B 72 27.49 12.93 -5.29
CA GLU B 72 28.43 13.54 -4.37
C GLU B 72 27.72 14.12 -3.18
N GLU B 73 26.67 14.92 -3.41
CA GLU B 73 25.93 15.59 -2.32
C GLU B 73 25.23 14.58 -1.42
N ILE B 74 24.62 13.55 -2.01
CA ILE B 74 23.89 12.51 -1.27
C ILE B 74 24.83 11.65 -0.43
N SER B 75 26.04 11.31 -0.95
CA SER B 75 27.06 10.57 -0.20
C SER B 75 27.56 11.40 0.97
N ARG B 76 27.92 12.70 0.74
CA ARG B 76 28.40 13.55 1.84
C ARG B 76 27.32 13.73 2.93
N PHE B 77 26.06 13.99 2.54
CA PHE B 77 24.93 14.19 3.45
C PHE B 77 24.67 12.96 4.36
N LYS B 78 24.52 11.77 3.75
CA LYS B 78 24.28 10.50 4.44
C LYS B 78 25.43 10.09 5.39
N GLU B 79 26.69 10.26 4.96
CA GLU B 79 27.86 9.93 5.77
C GLU B 79 27.91 10.68 7.08
N GLN B 80 27.40 11.93 7.10
CA GLN B 80 27.35 12.71 8.34
C GLN B 80 26.06 12.51 9.22
N LEU B 81 25.16 11.56 8.89
CA LEU B 81 23.95 11.37 9.71
C LEU B 81 24.17 10.29 10.75
N THR B 82 23.43 10.38 11.89
CA THR B 82 23.43 9.34 12.91
C THR B 82 22.48 8.18 12.44
N PRO B 83 22.60 6.94 12.96
CA PRO B 83 21.65 5.87 12.58
C PRO B 83 20.16 6.25 12.84
N SER B 84 19.92 7.15 13.80
CA SER B 84 18.56 7.60 14.12
C SER B 84 18.03 8.52 13.02
N GLN B 85 18.89 9.38 12.47
CA GLN B 85 18.55 10.28 11.37
C GLN B 85 18.32 9.53 10.11
N ILE B 86 19.12 8.48 9.86
CA ILE B 86 18.94 7.57 8.73
C ILE B 86 17.54 6.95 8.77
N MET B 87 17.17 6.36 9.90
CA MET B 87 15.86 5.72 10.09
C MET B 87 14.75 6.75 9.92
N SER B 88 14.92 7.95 10.46
CA SER B 88 13.99 9.07 10.34
C SER B 88 13.84 9.57 8.87
N LEU B 89 14.93 9.45 8.08
CA LEU B 89 14.84 9.86 6.70
C LEU B 89 13.99 8.83 5.90
N GLU B 90 14.26 7.54 6.14
CA GLU B 90 13.57 6.41 5.51
C GLU B 90 12.06 6.46 5.82
N LYS B 91 11.72 6.74 7.06
CA LYS B 91 10.33 6.80 7.48
C LYS B 91 9.59 7.93 6.78
N GLU B 92 10.22 9.10 6.68
CA GLU B 92 9.65 10.30 6.03
C GLU B 92 9.37 10.05 4.55
N ILE B 93 10.29 9.36 3.87
CA ILE B 93 10.18 9.01 2.45
C ILE B 93 9.00 8.02 2.25
N MET B 94 8.90 7.02 3.16
CA MET B 94 7.84 6.02 3.24
C MET B 94 6.49 6.71 3.46
N ASP B 95 6.41 7.64 4.44
CA ASP B 95 5.19 8.39 4.76
C ASP B 95 4.71 9.22 3.60
N LYS B 96 5.63 9.91 2.93
CA LYS B 96 5.33 10.79 1.80
C LYS B 96 4.73 9.95 0.62
N HIS B 97 5.31 8.75 0.41
CA HIS B 97 4.88 7.79 -0.59
C HIS B 97 3.46 7.30 -0.32
N LEU B 98 3.20 6.83 0.90
CA LEU B 98 1.92 6.32 1.33
C LEU B 98 0.82 7.39 1.34
N LYS B 99 1.15 8.64 1.72
CA LYS B 99 0.20 9.75 1.73
C LYS B 99 -0.26 10.10 0.29
N ARG B 100 0.62 9.99 -0.69
CA ARG B 100 0.31 10.25 -2.12
C ARG B 100 -0.56 9.12 -2.68
N LYS B 101 -0.19 7.87 -2.31
CA LYS B 101 -0.90 6.68 -2.71
C LYS B 101 -2.36 6.74 -2.17
N ALA B 102 -2.52 7.16 -0.91
CA ALA B 102 -3.83 7.26 -0.27
C ALA B 102 -4.70 8.38 -0.83
N MET B 103 -4.10 9.49 -1.28
CA MET B 103 -4.80 10.65 -1.85
C MET B 103 -5.24 10.31 -3.29
N THR B 104 -4.42 9.56 -4.03
CA THR B 104 -4.71 9.05 -5.37
C THR B 104 -5.96 8.11 -5.32
N LYS B 105 -6.01 7.22 -4.31
CA LYS B 105 -7.12 6.29 -4.09
C LYS B 105 -8.40 7.03 -3.72
N LYS B 106 -8.31 8.05 -2.88
CA LYS B 106 -9.44 8.88 -2.46
C LYS B 106 -10.08 9.68 -3.61
N LYS B 107 -9.23 10.28 -4.47
CA LYS B 107 -9.64 11.10 -5.63
C LYS B 107 -10.35 10.25 -6.65
N GLU B 108 -9.90 8.99 -6.85
CA GLU B 108 -10.52 8.04 -7.77
C GLU B 108 -11.91 7.64 -7.24
N LEU B 109 -12.07 7.46 -5.91
CA LEU B 109 -13.36 7.12 -5.27
C LEU B 109 -14.38 8.24 -5.42
N THR B 110 -13.92 9.49 -5.27
CA THR B 110 -14.77 10.69 -5.47
C THR B 110 -15.17 10.81 -6.95
N LEU B 111 -14.21 10.59 -7.87
CA LEU B 111 -14.43 10.63 -9.31
C LEU B 111 -15.47 9.53 -9.73
N LEU B 112 -15.42 8.34 -9.08
CA LEU B 112 -16.32 7.20 -9.27
C LEU B 112 -17.68 7.32 -8.55
N GLY B 113 -17.90 8.39 -7.79
CA GLY B 113 -19.16 8.67 -7.14
C GLY B 113 -19.50 7.81 -5.93
N LYS B 114 -18.48 7.34 -5.23
CA LYS B 114 -18.68 6.52 -4.05
C LYS B 114 -19.57 7.23 -2.99
N PRO B 115 -20.67 6.60 -2.53
CA PRO B 115 -21.54 7.29 -1.57
C PRO B 115 -20.82 7.55 -0.22
N LYS B 116 -21.24 8.59 0.46
CA LYS B 116 -20.66 8.91 1.75
C LYS B 116 -21.17 7.92 2.77
N ARG B 117 -20.34 7.66 3.79
CA ARG B 117 -20.62 6.78 4.91
C ARG B 117 -21.77 7.34 5.74
N PRO B 118 -22.46 6.52 6.57
CA PRO B 118 -23.60 7.05 7.31
C PRO B 118 -23.26 8.18 8.28
N ARG B 119 -24.19 9.08 8.43
CA ARG B 119 -24.10 10.19 9.35
C ARG B 119 -24.65 9.70 10.70
N SER B 120 -23.90 9.90 11.79
CA SER B 120 -24.33 9.53 13.15
C SER B 120 -25.25 10.62 13.69
N ALA B 121 -25.94 10.34 14.81
CA ALA B 121 -26.83 11.28 15.50
C ALA B 121 -26.03 12.55 15.81
N TYR B 122 -24.72 12.39 16.17
CA TYR B 122 -23.77 13.46 16.49
C TYR B 122 -23.45 14.33 15.27
N ASN B 123 -23.19 13.70 14.11
CA ASN B 123 -22.99 14.37 12.81
C ASN B 123 -24.21 15.23 12.47
N VAL B 124 -25.43 14.71 12.70
CA VAL B 124 -26.68 15.46 12.43
C VAL B 124 -26.75 16.73 13.35
N TYR B 125 -26.35 16.57 14.64
CA TYR B 125 -26.34 17.67 15.60
C TYR B 125 -25.35 18.74 15.12
N VAL B 126 -24.11 18.37 14.68
CA VAL B 126 -23.07 19.28 14.16
C VAL B 126 -23.60 20.08 12.93
N ALA B 127 -24.22 19.38 11.98
CA ALA B 127 -24.79 19.94 10.76
C ALA B 127 -25.81 21.00 11.09
N GLU B 128 -26.67 20.73 12.10
CA GLU B 128 -27.69 21.72 12.43
C GLU B 128 -27.25 22.88 13.33
N ARG B 129 -26.44 22.57 14.36
CA ARG B 129 -25.97 23.50 15.36
C ARG B 129 -24.71 24.33 15.04
N PHE B 130 -23.81 23.87 14.10
CA PHE B 130 -22.54 24.54 13.77
C PHE B 130 -22.63 26.04 13.42
N GLN B 131 -23.46 26.41 12.42
CA GLN B 131 -23.64 27.80 11.97
C GLN B 131 -23.84 28.83 13.12
N GLU B 132 -24.72 28.50 14.09
CA GLU B 132 -25.04 29.40 15.20
C GLU B 132 -24.22 29.22 16.47
N ALA B 133 -23.38 28.18 16.50
CA ALA B 133 -22.50 27.89 17.63
C ALA B 133 -21.52 29.05 17.85
N LYS B 134 -21.38 29.49 19.10
CA LYS B 134 -20.46 30.52 19.58
C LYS B 134 -19.01 30.12 19.17
N GLY B 135 -18.23 31.11 18.73
CA GLY B 135 -16.86 30.86 18.37
C GLY B 135 -16.43 31.67 17.17
N ASP B 136 -15.14 32.06 17.21
CA ASP B 136 -14.43 32.94 16.27
C ASP B 136 -13.62 32.24 15.16
N SER B 137 -13.63 30.90 15.17
CA SER B 137 -12.99 30.04 14.17
C SER B 137 -13.74 28.72 14.17
N PRO B 138 -13.71 27.96 13.07
CA PRO B 138 -14.37 26.65 13.05
C PRO B 138 -13.94 25.67 14.15
N GLN B 139 -12.70 25.77 14.63
CA GLN B 139 -12.21 24.92 15.75
C GLN B 139 -12.87 25.29 17.08
N GLU B 140 -13.06 26.58 17.33
CA GLU B 140 -13.76 27.06 18.53
C GLU B 140 -15.25 26.67 18.50
N LYS B 141 -15.91 26.86 17.32
CA LYS B 141 -17.31 26.53 17.10
C LYS B 141 -17.56 25.02 17.29
N LEU B 142 -16.58 24.16 16.87
CA LEU B 142 -16.74 22.72 17.06
C LEU B 142 -16.67 22.35 18.56
N LYS B 143 -15.80 23.03 19.33
CA LYS B 143 -15.70 22.84 20.78
C LYS B 143 -17.01 23.20 21.45
N THR B 144 -17.71 24.26 20.96
CA THR B 144 -19.03 24.64 21.46
C THR B 144 -20.02 23.52 21.26
N VAL B 145 -20.11 23.01 20.02
CA VAL B 145 -21.02 21.93 19.59
C VAL B 145 -20.78 20.69 20.41
N LYS B 146 -19.55 20.10 20.35
CA LYS B 146 -19.21 18.91 21.18
C LYS B 146 -19.60 19.05 22.64
N GLU B 147 -19.45 20.28 23.25
CA GLU B 147 -19.82 20.58 24.65
C GLU B 147 -21.35 20.57 24.84
N ASN B 148 -22.12 21.17 23.91
CA ASN B 148 -23.58 21.16 24.07
C ASN B 148 -24.20 19.76 23.82
N TRP B 149 -23.55 18.97 22.96
CA TRP B 149 -23.94 17.60 22.66
C TRP B 149 -24.03 16.73 23.94
N LYS B 150 -23.06 16.90 24.83
CA LYS B 150 -22.93 16.20 26.11
C LYS B 150 -23.98 16.65 27.13
N ASN B 151 -24.67 17.76 26.85
CA ASN B 151 -25.75 18.29 27.67
C ASN B 151 -27.14 17.98 27.16
N LEU B 152 -27.26 17.22 26.05
CA LEU B 152 -28.60 16.89 25.57
C LEU B 152 -29.21 15.80 26.42
N SER B 153 -30.51 15.91 26.66
CA SER B 153 -31.29 14.85 27.33
C SER B 153 -31.53 13.78 26.26
N ASP B 154 -31.98 12.58 26.67
CA ASP B 154 -32.33 11.51 25.74
C ASP B 154 -33.46 11.96 24.80
N SER B 155 -34.44 12.71 25.34
CA SER B 155 -35.56 13.27 24.60
C SER B 155 -35.06 14.16 23.47
N GLU B 156 -34.16 15.10 23.79
CA GLU B 156 -33.57 16.05 22.86
C GLU B 156 -32.69 15.34 21.83
N LYS B 157 -32.18 14.16 22.19
CA LYS B 157 -31.31 13.34 21.39
C LYS B 157 -32.08 12.46 20.43
N GLU B 158 -33.36 12.10 20.75
CA GLU B 158 -34.26 11.23 19.95
C GLU B 158 -34.30 11.65 18.48
N LEU B 159 -34.46 12.95 18.27
CA LEU B 159 -34.58 13.56 16.96
C LEU B 159 -33.40 13.24 16.06
N TYR B 160 -32.16 13.38 16.60
CA TYR B 160 -30.88 13.12 15.94
C TYR B 160 -30.71 11.64 15.68
N ILE B 161 -31.11 10.78 16.66
CA ILE B 161 -31.10 9.33 16.55
C ILE B 161 -31.99 8.88 15.41
N GLN B 162 -33.17 9.51 15.24
CA GLN B 162 -34.09 9.18 14.17
C GLN B 162 -33.62 9.64 12.79
N HIS B 163 -32.98 10.83 12.70
CA HIS B 163 -32.38 11.30 11.45
C HIS B 163 -31.23 10.35 11.04
N ALA B 164 -30.46 9.89 12.05
CA ALA B 164 -29.32 9.01 11.86
C ALA B 164 -29.77 7.67 11.27
N LYS B 165 -30.89 7.10 11.80
CA LYS B 165 -31.53 5.84 11.42
C LYS B 165 -31.91 5.85 9.95
N GLU B 166 -32.48 6.97 9.47
CA GLU B 166 -32.87 7.18 8.08
C GLU B 166 -31.63 7.21 7.17
N ASP B 167 -30.57 7.87 7.60
CA ASP B 167 -29.32 7.99 6.84
C ASP B 167 -28.55 6.67 6.75
N GLU B 168 -28.68 5.84 7.78
CA GLU B 168 -28.14 4.46 7.77
C GLU B 168 -28.75 3.70 6.59
N THR B 169 -30.08 3.75 6.43
CA THR B 169 -30.85 3.15 5.33
C THR B 169 -30.43 3.78 4.02
N ARG B 170 -30.33 5.11 3.95
CA ARG B 170 -29.87 5.83 2.74
C ARG B 170 -28.55 5.21 2.24
N TYR B 171 -27.56 5.07 3.13
CA TYR B 171 -26.24 4.46 2.92
C TYR B 171 -26.27 3.01 2.40
N HIS B 172 -27.02 2.12 3.02
CA HIS B 172 -27.11 0.72 2.61
C HIS B 172 -27.64 0.52 1.18
N ASN B 173 -28.67 1.31 0.84
CA ASN B 173 -29.29 1.26 -0.48
C ASN B 173 -28.32 1.83 -1.49
N GLU B 174 -27.65 2.96 -1.16
CA GLU B 174 -26.73 3.63 -2.07
C GLU B 174 -25.49 2.83 -2.38
N MET B 175 -24.97 2.14 -1.36
CA MET B 175 -23.80 1.28 -1.46
C MET B 175 -24.08 0.11 -2.37
N LYS B 176 -25.25 -0.51 -2.24
CA LYS B 176 -25.65 -1.64 -3.05
C LYS B 176 -25.62 -1.33 -4.50
N SER B 177 -26.27 -0.22 -4.86
CA SER B 177 -26.33 0.14 -6.24
C SER B 177 -25.01 0.68 -6.85
N TRP B 178 -24.17 1.36 -6.05
CA TRP B 178 -22.83 1.81 -6.43
C TRP B 178 -21.90 0.61 -6.65
N GLU B 179 -21.95 -0.36 -5.72
CA GLU B 179 -21.20 -1.62 -5.81
C GLU B 179 -21.56 -2.43 -7.06
N GLU B 180 -22.88 -2.43 -7.44
CA GLU B 180 -23.35 -3.04 -8.67
C GLU B 180 -22.74 -2.26 -9.86
N GLN B 181 -22.71 -0.92 -9.80
CA GLN B 181 -22.14 -0.10 -10.88
C GLN B 181 -20.63 -0.33 -11.00
N MET B 182 -19.93 -0.62 -9.87
CA MET B 182 -18.48 -0.95 -9.87
C MET B 182 -18.18 -2.32 -10.54
N ILE B 183 -19.04 -3.31 -10.32
CA ILE B 183 -18.95 -4.63 -10.94
C ILE B 183 -19.10 -4.46 -12.46
N GLU B 184 -20.11 -3.67 -12.92
CA GLU B 184 -20.35 -3.46 -14.35
C GLU B 184 -19.19 -2.79 -15.06
N VAL B 185 -18.43 -1.95 -14.36
CA VAL B 185 -17.25 -1.29 -14.92
C VAL B 185 -15.94 -2.10 -14.69
N GLY B 186 -16.07 -3.31 -14.17
CA GLY B 186 -14.95 -4.19 -13.88
C GLY B 186 -14.06 -3.74 -12.73
N ARG B 187 -14.66 -3.21 -11.65
CA ARG B 187 -13.89 -2.76 -10.46
C ARG B 187 -14.34 -3.45 -9.21
N LYS B 188 -14.29 -4.79 -9.20
CA LYS B 188 -14.67 -5.63 -8.07
C LYS B 188 -13.70 -5.44 -6.89
N ASP B 189 -12.52 -4.80 -7.14
CA ASP B 189 -11.52 -4.50 -6.10
C ASP B 189 -12.02 -3.45 -5.11
N LEU B 190 -12.95 -2.60 -5.57
CA LEU B 190 -13.54 -1.48 -4.81
C LEU B 190 -14.71 -1.89 -3.91
N LEU B 191 -15.16 -3.13 -4.03
CA LEU B 191 -16.25 -3.63 -3.21
C LEU B 191 -15.81 -4.02 -1.77
N ARG B 192 -16.77 -3.95 -0.81
CA ARG B 192 -16.50 -4.34 0.59
C ARG B 192 -16.34 -5.85 0.65
N ARG B 193 -15.63 -6.36 1.66
CA ARG B 193 -15.49 -7.81 1.86
C ARG B 193 -16.73 -8.35 2.55
#